data_8CZT
#
_entry.id   8CZT
#
_cell.length_a   101.619
_cell.length_b   56.935
_cell.length_c   49.830
_cell.angle_alpha   90.000
_cell.angle_beta   112.410
_cell.angle_gamma   90.000
#
_symmetry.space_group_name_H-M   'C 1 2 1'
#
loop_
_entity.id
_entity.type
_entity.pdbx_description
1 polymer '3C-like proteinase'
2 non-polymer '[(1~{S},2~{R})-2-cyclohexylcyclopropyl]methyl ~{N}-[(2~{S})-1-[[(1~{R},2~{S})-1-[bis(oxidanyl)-oxidanylidene-$l^{5}-sulfanyl]-1-oxidanyl-3-[(3~{S})-2-oxidanylidenepyrrolidin-3-yl]propan-2-yl]amino]-4-methyl-1-oxidanylidene-pentan-2-yl]carbamate'
3 water water
#
_entity_poly.entity_id   1
_entity_poly.type   'polypeptide(L)'
_entity_poly.pdbx_seq_one_letter_code
;MHHHHHHSGLVKMSHPSGDVEACMVQVTCGSMTLNGLWLDNTVWCPRHVMCPADQLSDPNYDALLISMTNHSFSVQKHIG
APANLRVVGHAMQGTLLKLTVDVANPSTPAYTFTTVKPGAAFSVLACYNGRPTGTFTVVMRPNYTIKGSFLCGSCGSVGY
TKEGSVINFCYMHQMELANGTHTGSAFDGTMYGAFMDKQVHQVQLTDKYCSVNVVAWLYAAILNGCAWFVKPNRTSVVSF
NEWALANQFTEFVGTQSVDMLAVKTGVAIEQLLYAIQQLYTGFQGKQILGSTMLEDEFTPEDVNMQIMGVVMQ
;
_entity_poly.pdbx_strand_id   A
#
# COMPACT_ATOMS: atom_id res chain seq x y z
N HIS A 6 0.63 -27.13 12.30
CA HIS A 6 -0.68 -26.43 12.33
C HIS A 6 -0.64 -25.18 11.46
N HIS A 7 -1.71 -24.96 10.70
CA HIS A 7 -1.82 -23.79 9.84
C HIS A 7 -2.52 -22.66 10.59
N SER A 8 -1.95 -21.45 10.46
CA SER A 8 -2.48 -20.30 11.19
C SER A 8 -3.82 -19.83 10.65
N GLY A 9 -4.17 -20.17 9.41
CA GLY A 9 -5.33 -19.60 8.77
C GLY A 9 -5.12 -18.20 8.26
N LEU A 10 -3.88 -17.73 8.21
CA LEU A 10 -3.55 -16.39 7.73
C LEU A 10 -3.03 -16.47 6.30
N VAL A 11 -3.62 -15.68 5.41
CA VAL A 11 -3.14 -15.54 4.04
C VAL A 11 -3.12 -14.06 3.70
N LYS A 12 -2.26 -13.71 2.75
CA LYS A 12 -2.29 -12.36 2.18
C LYS A 12 -3.61 -12.19 1.45
N MET A 13 -4.54 -11.48 2.07
CA MET A 13 -5.92 -11.37 1.59
C MET A 13 -6.13 -10.02 0.93
N SER A 14 -6.47 -10.03 -0.35
CA SER A 14 -6.80 -8.82 -1.08
C SER A 14 -8.31 -8.69 -1.22
N HIS A 15 -8.77 -7.45 -1.36
CA HIS A 15 -10.17 -7.22 -1.64
C HIS A 15 -10.51 -7.77 -3.03
N PRO A 16 -11.76 -8.16 -3.25
CA PRO A 16 -12.19 -8.49 -4.62
C PRO A 16 -12.05 -7.25 -5.51
N SER A 17 -11.41 -7.44 -6.66
CA SER A 17 -10.98 -6.33 -7.50
C SER A 17 -12.02 -5.89 -8.53
N GLY A 18 -13.19 -6.54 -8.58
CA GLY A 18 -14.12 -6.27 -9.65
C GLY A 18 -14.52 -4.80 -9.75
N ASP A 19 -14.83 -4.17 -8.62
CA ASP A 19 -15.25 -2.77 -8.65
C ASP A 19 -14.18 -1.88 -9.26
N VAL A 20 -12.91 -2.14 -8.94
CA VAL A 20 -11.84 -1.28 -9.44
C VAL A 20 -11.46 -1.65 -10.86
N GLU A 21 -11.66 -2.92 -11.26
CA GLU A 21 -11.37 -3.32 -12.63
C GLU A 21 -12.14 -2.47 -13.63
N ALA A 22 -13.40 -2.17 -13.32
CA ALA A 22 -14.25 -1.40 -14.23
C ALA A 22 -13.87 0.08 -14.28
N CYS A 23 -12.86 0.51 -13.53
CA CYS A 23 -12.42 1.91 -13.54
C CYS A 23 -11.09 2.12 -14.25
N MET A 24 -10.44 1.04 -14.71
CA MET A 24 -9.13 1.15 -15.31
C MET A 24 -9.23 1.46 -16.80
N VAL A 25 -8.37 2.35 -17.27
CA VAL A 25 -8.28 2.73 -18.67
C VAL A 25 -6.81 2.79 -19.04
N GLN A 26 -6.54 3.00 -20.32
CA GLN A 26 -5.19 3.21 -20.83
C GLN A 26 -5.01 4.68 -21.17
N VAL A 27 -3.83 5.22 -20.85
CA VAL A 27 -3.50 6.61 -21.12
C VAL A 27 -2.13 6.66 -21.78
N THR A 28 -2.04 7.37 -22.89
CA THR A 28 -0.79 7.51 -23.62
C THR A 28 -0.69 8.90 -24.23
N CYS A 29 0.53 9.42 -24.31
CA CYS A 29 0.82 10.69 -24.96
C CYS A 29 1.70 10.52 -26.19
N GLY A 30 1.83 9.29 -26.70
CA GLY A 30 2.67 9.02 -27.82
C GLY A 30 4.07 8.55 -27.48
N SER A 31 4.46 8.63 -26.19
CA SER A 31 5.76 8.13 -25.76
C SER A 31 5.57 6.99 -24.76
N MET A 32 5.04 7.26 -23.57
CA MET A 32 4.77 6.24 -22.57
C MET A 32 3.32 5.81 -22.67
N THR A 33 3.07 4.52 -22.43
CA THR A 33 1.72 4.00 -22.24
C THR A 33 1.62 3.50 -20.80
N LEU A 34 0.59 3.95 -20.09
CA LEU A 34 0.36 3.51 -18.72
C LEU A 34 -1.13 3.55 -18.44
N ASN A 35 -1.49 3.35 -17.18
CA ASN A 35 -2.88 3.15 -16.79
C ASN A 35 -3.46 4.38 -16.11
N GLY A 36 -4.77 4.55 -16.23
CA GLY A 36 -5.47 5.61 -15.57
C GLY A 36 -6.69 5.09 -14.83
N LEU A 37 -7.15 5.89 -13.87
CA LEU A 37 -8.29 5.54 -13.03
C LEU A 37 -9.45 6.46 -13.38
N TRP A 38 -10.53 5.86 -13.87
CA TRP A 38 -11.67 6.60 -14.42
C TRP A 38 -12.81 6.58 -13.41
N LEU A 39 -13.06 7.74 -12.80
CA LEU A 39 -14.14 7.91 -11.83
C LEU A 39 -14.95 9.14 -12.23
N ASP A 40 -16.26 8.97 -12.40
CA ASP A 40 -17.14 10.02 -12.89
C ASP A 40 -16.54 10.55 -14.20
N ASN A 41 -16.34 11.85 -14.36
CA ASN A 41 -15.77 12.42 -15.58
C ASN A 41 -14.28 12.70 -15.46
N THR A 42 -13.60 12.04 -14.53
CA THR A 42 -12.19 12.31 -14.25
C THR A 42 -11.37 11.04 -14.48
N VAL A 43 -10.18 11.22 -15.06
CA VAL A 43 -9.20 10.15 -15.21
C VAL A 43 -7.90 10.60 -14.59
N TRP A 44 -7.45 9.88 -13.56
CA TRP A 44 -6.18 10.15 -12.90
C TRP A 44 -5.11 9.23 -13.48
N CYS A 45 -3.89 9.76 -13.63
CA CYS A 45 -2.77 8.97 -14.12
C CYS A 45 -1.49 9.66 -13.70
N PRO A 46 -0.37 8.92 -13.63
CA PRO A 46 0.92 9.56 -13.33
C PRO A 46 1.28 10.59 -14.40
N ARG A 47 1.94 11.66 -13.96
CA ARG A 47 2.24 12.77 -14.86
C ARG A 47 3.43 12.49 -15.77
N HIS A 48 4.27 11.53 -15.43
CA HIS A 48 5.38 11.26 -16.35
C HIS A 48 4.93 10.57 -17.64
N VAL A 49 3.62 10.41 -17.85
CA VAL A 49 3.13 9.98 -19.16
C VAL A 49 3.43 11.04 -20.21
N MET A 50 3.50 12.31 -19.80
CA MET A 50 3.88 13.39 -20.71
C MET A 50 5.36 13.41 -21.03
N CYS A 51 6.15 12.54 -20.40
CA CYS A 51 7.60 12.69 -20.41
C CYS A 51 8.20 11.87 -21.57
N PRO A 52 8.92 12.50 -22.49
CA PRO A 52 9.58 11.72 -23.55
C PRO A 52 10.61 10.75 -22.98
N ALA A 53 10.93 9.73 -23.77
CA ALA A 53 11.88 8.72 -23.33
C ALA A 53 13.23 9.32 -22.97
N ASP A 54 13.59 10.45 -23.56
CA ASP A 54 14.89 11.09 -23.32
C ASP A 54 14.82 12.17 -22.25
N GLN A 55 13.84 12.07 -21.33
CA GLN A 55 13.67 13.12 -20.32
C GLN A 55 13.17 12.57 -18.99
N LEU A 56 13.25 11.26 -18.76
CA LEU A 56 12.68 10.67 -17.55
C LEU A 56 13.49 10.99 -16.29
N SER A 57 14.76 11.38 -16.44
CA SER A 57 15.61 11.64 -15.28
C SER A 57 15.50 13.05 -14.73
N ASP A 58 15.20 14.04 -15.57
CA ASP A 58 15.08 15.43 -15.11
C ASP A 58 14.10 16.17 -16.01
N PRO A 59 12.82 15.81 -15.94
CA PRO A 59 11.81 16.52 -16.72
C PRO A 59 11.40 17.83 -16.06
N ASN A 60 10.90 18.74 -16.89
CA ASN A 60 10.25 19.97 -16.42
C ASN A 60 8.76 19.77 -16.67
N TYR A 61 8.06 19.29 -15.64
CA TYR A 61 6.66 18.92 -15.81
C TYR A 61 5.79 20.14 -16.08
N ASP A 62 6.14 21.30 -15.51
CA ASP A 62 5.37 22.51 -15.79
C ASP A 62 5.43 22.86 -17.27
N ALA A 63 6.63 22.81 -17.85
CA ALA A 63 6.78 23.08 -19.28
C ALA A 63 6.13 21.97 -20.11
N LEU A 64 6.21 20.72 -19.65
CA LEU A 64 5.58 19.64 -20.39
C LEU A 64 4.05 19.77 -20.38
N LEU A 65 3.48 20.11 -19.22
CA LEU A 65 2.03 20.26 -19.14
C LEU A 65 1.54 21.37 -20.07
N ILE A 66 2.18 22.53 -20.01
CA ILE A 66 1.73 23.65 -20.84
C ILE A 66 1.94 23.32 -22.30
N SER A 67 2.89 22.43 -22.61
CA SER A 67 3.12 22.01 -23.99
C SER A 67 2.06 21.05 -24.48
N MET A 68 1.20 20.54 -23.61
CA MET A 68 0.14 19.62 -23.98
C MET A 68 -1.19 20.34 -24.14
N THR A 69 -2.03 19.79 -25.00
CA THR A 69 -3.41 20.21 -25.16
C THR A 69 -4.32 19.02 -24.82
N ASN A 70 -5.62 19.21 -25.00
CA ASN A 70 -6.56 18.16 -24.63
C ASN A 70 -6.35 16.91 -25.47
N HIS A 71 -6.26 17.07 -26.79
CA HIS A 71 -6.10 15.90 -27.67
C HIS A 71 -4.68 15.35 -27.64
N SER A 72 -3.76 15.96 -26.89
CA SER A 72 -2.46 15.34 -26.66
C SER A 72 -2.58 14.04 -25.89
N PHE A 73 -3.64 13.88 -25.11
CA PHE A 73 -3.86 12.70 -24.28
C PHE A 73 -4.84 11.76 -24.97
N SER A 74 -4.45 10.51 -25.11
CA SER A 74 -5.32 9.46 -25.65
C SER A 74 -5.71 8.53 -24.51
N VAL A 75 -7.01 8.45 -24.24
CA VAL A 75 -7.54 7.62 -23.16
C VAL A 75 -8.40 6.53 -23.80
N GLN A 76 -8.11 5.27 -23.47
CA GLN A 76 -8.77 4.13 -24.09
C GLN A 76 -9.19 3.13 -23.04
N LYS A 77 -10.44 2.68 -23.13
CA LYS A 77 -10.92 1.55 -22.34
C LYS A 77 -10.73 0.27 -23.16
N HIS A 78 -10.06 -0.72 -22.57
CA HIS A 78 -9.68 -1.93 -23.28
C HIS A 78 -10.48 -3.16 -22.85
N ILE A 79 -11.45 -3.01 -21.96
CA ILE A 79 -12.23 -4.16 -21.50
C ILE A 79 -13.60 -3.70 -21.01
N ALA A 83 -13.06 1.18 -26.22
CA ALA A 83 -13.68 2.49 -26.27
C ALA A 83 -12.63 3.59 -26.24
N ASN A 84 -13.04 4.80 -26.63
CA ASN A 84 -12.19 5.98 -26.57
C ASN A 84 -12.91 7.06 -25.79
N LEU A 85 -12.20 7.65 -24.82
CA LEU A 85 -12.73 8.75 -24.03
C LEU A 85 -12.08 10.05 -24.49
N ARG A 86 -12.90 10.96 -25.01
CA ARG A 86 -12.38 12.25 -25.45
C ARG A 86 -12.04 13.12 -24.24
N VAL A 87 -10.80 13.57 -24.19
CA VAL A 87 -10.36 14.45 -23.10
C VAL A 87 -10.83 15.87 -23.40
N VAL A 88 -11.53 16.48 -22.44
CA VAL A 88 -12.01 17.85 -22.58
C VAL A 88 -11.34 18.80 -21.61
N GLY A 89 -10.53 18.30 -20.68
CA GLY A 89 -9.78 19.14 -19.77
C GLY A 89 -8.63 18.39 -19.18
N HIS A 90 -7.56 19.12 -18.85
CA HIS A 90 -6.38 18.50 -18.25
C HIS A 90 -5.80 19.45 -17.21
N ALA A 91 -5.38 18.87 -16.09
CA ALA A 91 -4.77 19.63 -15.01
C ALA A 91 -3.75 18.74 -14.31
N MET A 92 -2.82 19.40 -13.61
CA MET A 92 -1.77 18.70 -12.87
C MET A 92 -1.92 18.98 -11.39
N GLN A 93 -1.91 17.92 -10.58
CA GLN A 93 -1.98 18.01 -9.13
C GLN A 93 -0.79 17.24 -8.57
N GLY A 94 0.29 17.97 -8.27
CA GLY A 94 1.48 17.30 -7.77
C GLY A 94 2.04 16.36 -8.81
N THR A 95 2.14 15.08 -8.46
CA THR A 95 2.73 14.08 -9.34
C THR A 95 1.70 13.34 -10.16
N LEU A 96 0.45 13.80 -10.19
CA LEU A 96 -0.62 13.15 -10.93
C LEU A 96 -1.26 14.13 -11.91
N LEU A 97 -1.82 13.58 -12.98
CA LEU A 97 -2.65 14.34 -13.90
C LEU A 97 -4.11 14.11 -13.59
N LYS A 98 -4.91 15.14 -13.81
CA LYS A 98 -6.36 15.11 -13.59
C LYS A 98 -7.01 15.43 -14.94
N LEU A 99 -7.28 14.38 -15.72
CA LEU A 99 -7.88 14.55 -17.04
C LEU A 99 -9.39 14.51 -16.93
N THR A 100 -10.04 15.47 -17.58
CA THR A 100 -11.50 15.52 -17.65
C THR A 100 -11.94 14.96 -18.99
N VAL A 101 -12.88 14.01 -18.96
CA VAL A 101 -13.33 13.32 -20.15
C VAL A 101 -14.82 13.58 -20.34
N ASP A 102 -15.29 13.38 -21.58
CA ASP A 102 -16.64 13.78 -21.94
C ASP A 102 -17.69 12.84 -21.36
N VAL A 103 -17.36 11.55 -21.21
CA VAL A 103 -18.30 10.55 -20.72
C VAL A 103 -17.91 10.17 -19.29
N ALA A 104 -18.91 10.01 -18.43
CA ALA A 104 -18.69 9.57 -17.07
C ALA A 104 -18.76 8.05 -16.99
N ASN A 105 -17.96 7.49 -16.11
CA ASN A 105 -17.90 6.04 -15.94
C ASN A 105 -19.20 5.54 -15.32
N PRO A 106 -20.02 4.77 -16.04
CA PRO A 106 -21.28 4.29 -15.46
C PRO A 106 -21.10 3.29 -14.34
N SER A 107 -19.90 2.73 -14.18
CA SER A 107 -19.61 1.79 -13.10
C SER A 107 -18.78 2.42 -11.99
N THR A 108 -18.83 3.75 -11.85
CA THR A 108 -18.11 4.41 -10.79
C THR A 108 -18.61 3.91 -9.44
N PRO A 109 -17.77 3.29 -8.62
CA PRO A 109 -18.21 2.89 -7.28
C PRO A 109 -18.21 4.07 -6.33
N ALA A 110 -18.84 3.88 -5.18
CA ALA A 110 -18.70 4.83 -4.09
C ALA A 110 -17.25 4.81 -3.63
N TYR A 111 -16.63 5.99 -3.56
CA TYR A 111 -15.20 6.04 -3.31
C TYR A 111 -14.85 7.29 -2.51
N THR A 112 -13.69 7.21 -1.85
CA THR A 112 -13.02 8.35 -1.26
C THR A 112 -11.54 8.24 -1.58
N PHE A 113 -10.84 9.36 -1.42
CA PHE A 113 -9.37 9.38 -1.49
C PHE A 113 -8.83 9.48 -0.08
N THR A 114 -7.90 8.60 0.27
CA THR A 114 -7.34 8.57 1.60
C THR A 114 -5.87 8.18 1.53
N THR A 115 -5.04 8.82 2.35
CA THR A 115 -3.65 8.44 2.48
C THR A 115 -3.51 7.28 3.46
N VAL A 116 -2.63 6.33 3.14
CA VAL A 116 -2.41 5.14 3.96
C VAL A 116 -1.13 5.35 4.75
N LYS A 117 -1.12 4.84 5.99
CA LYS A 117 -0.02 5.07 6.91
C LYS A 117 0.84 3.83 7.07
N PRO A 118 2.08 4.00 7.56
CA PRO A 118 2.97 2.84 7.68
C PRO A 118 2.37 1.75 8.55
N GLY A 119 2.53 0.50 8.10
CA GLY A 119 2.00 -0.64 8.81
C GLY A 119 0.61 -1.06 8.37
N ALA A 120 -0.13 -0.18 7.72
CA ALA A 120 -1.46 -0.52 7.24
C ALA A 120 -1.38 -1.21 5.89
N ALA A 121 -2.26 -2.17 5.68
CA ALA A 121 -2.29 -2.97 4.46
C ALA A 121 -3.29 -2.37 3.48
N PHE A 122 -3.02 -2.59 2.19
CA PHE A 122 -3.99 -2.22 1.15
C PHE A 122 -3.80 -3.14 -0.04
N SER A 123 -4.86 -3.24 -0.85
CA SER A 123 -4.89 -4.12 -2.02
C SER A 123 -4.51 -3.32 -3.25
N VAL A 124 -3.73 -3.95 -4.14
CA VAL A 124 -3.26 -3.33 -5.36
C VAL A 124 -3.77 -4.13 -6.55
N LEU A 125 -4.18 -3.43 -7.60
CA LEU A 125 -4.57 -4.04 -8.87
C LEU A 125 -3.50 -3.68 -9.90
N ALA A 126 -2.67 -4.66 -10.25
CA ALA A 126 -1.62 -4.44 -11.24
C ALA A 126 -2.21 -4.51 -12.65
N CYS A 127 -2.00 -3.45 -13.43
CA CYS A 127 -2.55 -3.35 -14.77
C CYS A 127 -1.45 -3.00 -15.76
N TYR A 128 -1.67 -3.39 -17.02
CA TYR A 128 -0.77 -3.07 -18.12
C TYR A 128 -1.62 -2.77 -19.35
N ASN A 129 -1.39 -1.62 -19.97
CA ASN A 129 -2.20 -1.17 -21.10
C ASN A 129 -3.67 -1.05 -20.70
N GLY A 130 -3.93 -0.67 -19.45
CA GLY A 130 -5.29 -0.59 -18.95
C GLY A 130 -5.97 -1.92 -18.71
N ARG A 131 -5.24 -3.03 -18.85
CA ARG A 131 -5.81 -4.36 -18.66
C ARG A 131 -5.38 -4.90 -17.31
N PRO A 132 -6.30 -5.15 -16.37
CA PRO A 132 -5.89 -5.72 -15.08
C PRO A 132 -5.33 -7.12 -15.25
N THR A 133 -4.19 -7.36 -14.60
CA THR A 133 -3.46 -8.62 -14.76
C THR A 133 -3.28 -9.40 -13.46
N GLY A 134 -3.37 -8.76 -12.31
CA GLY A 134 -3.22 -9.47 -11.05
C GLY A 134 -3.44 -8.53 -9.89
N THR A 135 -3.81 -9.12 -8.75
CA THR A 135 -4.04 -8.36 -7.53
C THR A 135 -3.25 -8.97 -6.39
N PHE A 136 -2.79 -8.11 -5.49
CA PHE A 136 -2.05 -8.52 -4.31
C PHE A 136 -2.23 -7.46 -3.23
N THR A 137 -1.82 -7.79 -2.01
CA THR A 137 -1.90 -6.88 -0.89
C THR A 137 -0.51 -6.62 -0.33
N VAL A 138 -0.27 -5.39 0.09
CA VAL A 138 1.00 -4.97 0.67
C VAL A 138 0.73 -4.13 1.90
N VAL A 139 1.77 -3.96 2.71
CA VAL A 139 1.75 -3.04 3.83
C VAL A 139 2.72 -1.90 3.53
N MET A 140 2.29 -0.68 3.81
CA MET A 140 3.18 0.47 3.64
C MET A 140 4.33 0.36 4.64
N ARG A 141 5.55 0.27 4.13
CA ARG A 141 6.70 0.14 5.01
C ARG A 141 6.97 1.47 5.72
N PRO A 142 7.60 1.42 6.89
CA PRO A 142 7.95 2.67 7.58
C PRO A 142 8.73 3.67 6.73
N ASN A 143 9.50 3.20 5.75
CA ASN A 143 10.23 4.09 4.85
C ASN A 143 9.42 4.44 3.60
N TYR A 144 8.10 4.21 3.64
CA TYR A 144 7.19 4.61 2.58
C TYR A 144 7.52 3.97 1.24
N THR A 145 8.01 2.74 1.26
CA THR A 145 8.05 1.86 0.10
C THR A 145 7.05 0.74 0.31
N ILE A 146 6.78 0.00 -0.76
CA ILE A 146 6.03 -1.25 -0.68
C ILE A 146 6.84 -2.32 -1.39
N LYS A 147 6.70 -3.56 -0.92
CA LYS A 147 7.36 -4.71 -1.52
C LYS A 147 6.38 -5.40 -2.48
N GLY A 148 6.15 -4.72 -3.60
CA GLY A 148 5.16 -5.15 -4.57
C GLY A 148 5.77 -5.95 -5.70
N SER A 149 5.00 -6.08 -6.78
CA SER A 149 5.41 -6.80 -7.99
C SER A 149 4.96 -5.96 -9.19
N PHE A 150 5.87 -5.13 -9.68
CA PHE A 150 5.58 -4.19 -10.77
C PHE A 150 6.67 -4.27 -11.83
N LEU A 151 6.27 -4.24 -13.09
CA LEU A 151 7.17 -4.21 -14.23
C LEU A 151 6.91 -2.94 -15.04
N CYS A 152 7.64 -2.81 -16.15
CA CYS A 152 7.42 -1.68 -17.04
C CYS A 152 5.98 -1.66 -17.52
N GLY A 153 5.41 -0.47 -17.60
CA GLY A 153 4.03 -0.30 -18.01
C GLY A 153 3.01 -0.44 -16.90
N SER A 154 3.45 -0.72 -15.67
CA SER A 154 2.53 -0.92 -14.55
C SER A 154 2.11 0.38 -13.89
N CYS A 155 2.74 1.51 -14.23
CA CYS A 155 2.40 2.76 -13.57
C CYS A 155 0.95 3.13 -13.84
N GLY A 156 0.31 3.75 -12.86
CA GLY A 156 -1.12 3.96 -12.88
C GLY A 156 -1.91 2.89 -12.17
N SER A 157 -1.33 1.71 -11.96
CA SER A 157 -1.95 0.71 -11.11
C SER A 157 -2.25 1.32 -9.75
N VAL A 158 -3.39 0.95 -9.16
CA VAL A 158 -3.91 1.65 -8.00
C VAL A 158 -3.96 0.72 -6.80
N GLY A 159 -3.81 1.32 -5.62
CA GLY A 159 -3.99 0.62 -4.37
C GLY A 159 -5.12 1.25 -3.58
N TYR A 160 -5.82 0.43 -2.82
CA TYR A 160 -7.07 0.86 -2.18
C TYR A 160 -7.40 -0.05 -1.02
N THR A 161 -8.25 0.46 -0.13
CA THR A 161 -8.93 -0.33 0.89
C THR A 161 -10.42 -0.16 0.70
N LYS A 162 -11.20 -0.91 1.47
CA LYS A 162 -12.66 -0.91 1.34
C LYS A 162 -13.29 -0.90 2.71
N GLU A 163 -14.07 0.15 2.99
CA GLU A 163 -14.88 0.25 4.20
C GLU A 163 -16.34 0.11 3.78
N GLY A 164 -16.93 -1.05 4.05
CA GLY A 164 -18.27 -1.31 3.56
C GLY A 164 -18.25 -1.47 2.05
N SER A 165 -19.11 -0.70 1.37
CA SER A 165 -19.13 -0.65 -0.08
C SER A 165 -18.34 0.51 -0.64
N VAL A 166 -17.63 1.25 0.21
CA VAL A 166 -16.88 2.44 -0.19
C VAL A 166 -15.43 2.06 -0.42
N ILE A 167 -14.92 2.37 -1.60
CA ILE A 167 -13.53 2.09 -1.95
C ILE A 167 -12.69 3.32 -1.63
N ASN A 168 -11.67 3.13 -0.80
CA ASN A 168 -10.78 4.21 -0.38
C ASN A 168 -9.48 4.08 -1.17
N PHE A 169 -9.37 4.84 -2.25
CA PHE A 169 -8.16 4.81 -3.07
C PHE A 169 -7.03 5.51 -2.33
N CYS A 170 -5.87 4.85 -2.25
CA CYS A 170 -4.77 5.35 -1.43
C CYS A 170 -3.41 5.36 -2.14
N TYR A 171 -3.31 4.80 -3.34
CA TYR A 171 -2.00 4.59 -3.94
C TYR A 171 -2.13 4.52 -5.45
N MET A 172 -1.26 5.24 -6.16
CA MET A 172 -1.08 5.07 -7.60
C MET A 172 0.40 4.90 -7.87
N HIS A 173 0.75 3.79 -8.52
CA HIS A 173 2.14 3.39 -8.64
C HIS A 173 2.89 4.34 -9.56
N GLN A 174 4.15 4.62 -9.21
CA GLN A 174 4.98 5.58 -9.94
C GLN A 174 6.33 5.00 -10.38
N MET A 175 7.00 4.23 -9.54
CA MET A 175 8.38 3.85 -9.86
C MET A 175 8.85 2.72 -8.96
N GLU A 176 10.04 2.21 -9.28
CA GLU A 176 10.74 1.22 -8.49
C GLU A 176 12.05 1.81 -8.01
N LEU A 177 12.48 1.42 -6.82
CA LEU A 177 13.74 1.90 -6.27
C LEU A 177 14.88 0.96 -6.63
N ALA A 178 16.10 1.38 -6.32
CA ALA A 178 17.27 0.60 -6.67
C ALA A 178 17.29 -0.74 -5.94
N ASN A 179 16.73 -0.80 -4.75
CA ASN A 179 16.73 -2.03 -3.96
C ASN A 179 15.60 -2.98 -4.32
N GLY A 180 14.77 -2.64 -5.30
CA GLY A 180 13.72 -3.51 -5.77
C GLY A 180 12.34 -3.19 -5.24
N THR A 181 12.22 -2.35 -4.21
CA THR A 181 10.92 -2.00 -3.69
C THR A 181 10.31 -0.89 -4.55
N HIS A 182 9.06 -0.54 -4.23
CA HIS A 182 8.28 0.37 -5.06
C HIS A 182 7.68 1.47 -4.19
N THR A 183 7.30 2.56 -4.85
CA THR A 183 6.61 3.66 -4.20
C THR A 183 5.75 4.38 -5.22
N GLY A 184 4.89 5.26 -4.74
CA GLY A 184 3.96 5.94 -5.61
C GLY A 184 3.34 7.15 -4.96
N SER A 185 2.18 7.53 -5.47
CA SER A 185 1.51 8.76 -5.08
C SER A 185 0.20 8.47 -4.38
N ALA A 186 -0.15 9.33 -3.43
CA ALA A 186 -1.53 9.45 -3.01
C ALA A 186 -2.29 10.30 -4.02
N PHE A 187 -3.62 10.26 -3.93
CA PHE A 187 -4.43 10.94 -4.93
C PHE A 187 -4.59 12.43 -4.65
N ASP A 188 -3.91 12.96 -3.64
CA ASP A 188 -3.73 14.40 -3.49
C ASP A 188 -2.50 14.89 -4.26
N GLY A 189 -1.79 13.99 -4.94
CA GLY A 189 -0.66 14.35 -5.77
C GLY A 189 0.70 14.14 -5.14
N THR A 190 0.77 13.99 -3.82
CA THR A 190 2.04 13.84 -3.14
C THR A 190 2.56 12.42 -3.28
N MET A 191 3.88 12.29 -3.40
CA MET A 191 4.52 11.00 -3.25
C MET A 191 4.60 10.64 -1.77
N TYR A 192 4.56 9.34 -1.49
CA TYR A 192 4.75 8.88 -0.13
C TYR A 192 6.21 9.04 0.27
N GLY A 193 6.43 9.37 1.54
CA GLY A 193 7.77 9.63 2.00
C GLY A 193 8.38 10.85 1.32
N ALA A 194 9.69 10.78 1.12
CA ALA A 194 10.45 11.90 0.55
C ALA A 194 10.87 11.63 -0.89
N PHE A 195 10.12 10.78 -1.60
CA PHE A 195 10.50 10.37 -2.95
C PHE A 195 10.00 11.37 -3.98
N MET A 196 10.69 11.39 -5.12
CA MET A 196 10.34 12.24 -6.25
C MET A 196 10.14 11.36 -7.48
N ASP A 197 9.20 11.76 -8.34
CA ASP A 197 8.91 11.00 -9.56
C ASP A 197 9.90 11.39 -10.67
N LYS A 198 11.17 11.15 -10.38
CA LYS A 198 12.27 11.38 -11.32
C LYS A 198 13.16 10.16 -11.35
N GLN A 199 13.46 9.68 -12.55
CA GLN A 199 14.26 8.45 -12.76
C GLN A 199 15.72 8.73 -12.46
N VAL A 200 16.05 9.01 -11.21
CA VAL A 200 17.41 9.23 -10.75
C VAL A 200 17.59 8.49 -9.42
N HIS A 201 18.85 8.34 -9.03
CA HIS A 201 19.14 7.79 -7.71
C HIS A 201 18.57 8.68 -6.63
N GLN A 202 18.00 8.08 -5.60
CA GLN A 202 17.38 8.81 -4.51
C GLN A 202 17.73 8.17 -3.17
N VAL A 203 17.91 9.01 -2.16
CA VAL A 203 18.14 8.52 -0.81
C VAL A 203 16.95 7.67 -0.38
N GLN A 204 17.24 6.56 0.28
CA GLN A 204 16.21 5.66 0.79
C GLN A 204 16.32 5.58 2.30
N LEU A 205 15.21 5.85 2.99
CA LEU A 205 15.19 5.76 4.44
C LEU A 205 15.26 4.31 4.88
N THR A 206 15.70 4.10 6.11
CA THR A 206 15.80 2.75 6.65
C THR A 206 14.41 2.15 6.85
N ASP A 207 14.32 0.84 6.67
CA ASP A 207 13.11 0.10 6.98
C ASP A 207 13.14 -0.34 8.44
N LYS A 208 11.95 -0.58 8.99
CA LYS A 208 11.82 -0.99 10.39
C LYS A 208 10.73 -2.04 10.51
N TYR A 209 10.83 -2.85 11.56
CA TYR A 209 9.73 -3.73 11.94
C TYR A 209 8.55 -2.91 12.40
N CYS A 210 7.35 -3.25 11.92
CA CYS A 210 6.13 -2.61 12.39
C CYS A 210 5.70 -3.33 13.67
N SER A 211 6.02 -2.72 14.81
CA SER A 211 5.81 -3.38 16.10
C SER A 211 4.36 -3.79 16.28
N VAL A 212 3.41 -2.92 15.95
CA VAL A 212 2.00 -3.24 16.14
C VAL A 212 1.62 -4.48 15.32
N ASN A 213 2.18 -4.61 14.12
CA ASN A 213 1.89 -5.79 13.30
C ASN A 213 2.58 -7.03 13.85
N VAL A 214 3.76 -6.88 14.45
CA VAL A 214 4.39 -8.02 15.10
C VAL A 214 3.54 -8.51 16.26
N VAL A 215 2.94 -7.57 17.01
CA VAL A 215 2.07 -7.96 18.11
C VAL A 215 0.84 -8.69 17.59
N ALA A 216 0.27 -8.20 16.49
CA ALA A 216 -0.88 -8.88 15.90
C ALA A 216 -0.54 -10.32 15.53
N TRP A 217 0.67 -10.53 15.01
CA TRP A 217 1.09 -11.86 14.57
C TRP A 217 1.30 -12.80 15.76
N LEU A 218 1.91 -12.30 16.84
CA LEU A 218 2.04 -13.13 18.03
C LEU A 218 0.67 -13.49 18.60
N TYR A 219 -0.29 -12.57 18.51
CA TYR A 219 -1.65 -12.90 18.92
C TYR A 219 -2.26 -13.97 18.03
N ALA A 220 -1.93 -13.98 16.73
CA ALA A 220 -2.43 -15.02 15.84
C ALA A 220 -1.88 -16.39 16.24
N ALA A 221 -0.63 -16.43 16.69
CA ALA A 221 -0.06 -17.69 17.14
C ALA A 221 -0.80 -18.21 18.36
N ILE A 222 -1.07 -17.34 19.34
CA ILE A 222 -1.83 -17.74 20.52
C ILE A 222 -3.20 -18.26 20.13
N LEU A 223 -3.89 -17.54 19.24
CA LEU A 223 -5.18 -17.97 18.76
C LEU A 223 -5.13 -19.31 18.04
N ASN A 224 -3.94 -19.80 17.69
CA ASN A 224 -3.76 -21.10 17.06
C ASN A 224 -3.06 -22.10 17.98
N GLY A 225 -3.06 -21.85 19.28
CA GLY A 225 -2.49 -22.77 20.24
C GLY A 225 -0.99 -22.66 20.45
N CYS A 226 -0.34 -21.65 19.88
CA CYS A 226 1.11 -21.49 19.94
C CYS A 226 1.43 -20.33 20.88
N ALA A 227 2.02 -20.65 22.04
CA ALA A 227 2.26 -19.62 23.04
C ALA A 227 3.50 -19.85 23.89
N TRP A 228 4.47 -20.65 23.42
CA TRP A 228 5.66 -20.92 24.22
C TRP A 228 6.39 -19.64 24.59
N PHE A 229 6.29 -18.61 23.75
CA PHE A 229 6.99 -17.36 24.00
C PHE A 229 6.36 -16.53 25.11
N VAL A 230 5.05 -16.67 25.31
CA VAL A 230 4.32 -15.90 26.31
C VAL A 230 4.86 -16.20 27.70
N LYS A 231 5.58 -15.26 28.28
CA LYS A 231 6.01 -15.35 29.67
C LYS A 231 5.23 -14.34 30.51
N PRO A 232 5.06 -14.60 31.81
CA PRO A 232 4.33 -13.64 32.65
C PRO A 232 4.99 -12.28 32.72
N ASN A 233 6.28 -12.17 32.39
CA ASN A 233 6.96 -10.89 32.43
C ASN A 233 6.30 -9.91 31.46
N ARG A 234 6.40 -8.62 31.78
CA ARG A 234 5.79 -7.57 30.97
C ARG A 234 6.82 -6.49 30.68
N THR A 235 6.64 -5.85 29.53
CA THR A 235 7.33 -4.61 29.19
C THR A 235 6.27 -3.54 28.93
N SER A 236 6.43 -2.38 29.56
CA SER A 236 5.46 -1.32 29.40
C SER A 236 5.57 -0.72 28.00
N VAL A 237 4.48 -0.10 27.56
CA VAL A 237 4.49 0.56 26.25
C VAL A 237 5.58 1.62 26.21
N VAL A 238 5.74 2.36 27.31
CA VAL A 238 6.73 3.44 27.36
C VAL A 238 8.13 2.87 27.22
N SER A 239 8.44 1.84 28.01
CA SER A 239 9.79 1.27 27.97
C SER A 239 10.07 0.57 26.64
N PHE A 240 9.05 -0.04 26.03
CA PHE A 240 9.25 -0.68 24.74
C PHE A 240 9.59 0.34 23.66
N ASN A 241 8.85 1.44 23.63
CA ASN A 241 9.12 2.47 22.60
C ASN A 241 10.52 3.03 22.74
N GLU A 242 11.01 3.20 23.97
CA GLU A 242 12.40 3.60 24.17
C GLU A 242 13.34 2.53 23.63
N TRP A 243 13.04 1.26 23.91
CA TRP A 243 13.82 0.17 23.33
C TRP A 243 13.72 0.18 21.81
N ALA A 244 12.51 0.44 21.28
CA ALA A 244 12.31 0.36 19.84
C ALA A 244 13.20 1.34 19.09
N LEU A 245 13.44 2.52 19.67
CA LEU A 245 14.24 3.52 18.98
C LEU A 245 15.66 3.01 18.71
N ALA A 246 16.19 2.19 19.60
CA ALA A 246 17.57 1.72 19.51
C ALA A 246 17.69 0.39 18.78
N ASN A 247 16.59 -0.13 18.21
CA ASN A 247 16.63 -1.45 17.61
C ASN A 247 15.91 -1.51 16.26
N GLN A 248 15.61 -0.37 15.65
CA GLN A 248 15.00 -0.33 14.31
C GLN A 248 13.62 -0.97 14.32
N PHE A 249 12.88 -0.72 15.39
CA PHE A 249 11.45 -1.06 15.47
C PHE A 249 10.64 0.23 15.48
N THR A 250 9.44 0.16 14.89
CA THR A 250 8.51 1.26 15.01
C THR A 250 8.04 1.38 16.46
N GLU A 251 7.63 2.58 16.84
CA GLU A 251 7.06 2.81 18.16
C GLU A 251 5.64 2.28 18.19
N PHE A 252 5.31 1.53 19.24
CA PHE A 252 4.01 0.86 19.32
C PHE A 252 2.94 1.84 19.77
N VAL A 253 1.77 1.74 19.14
CA VAL A 253 0.58 2.50 19.52
C VAL A 253 -0.61 1.54 19.44
N GLY A 254 -1.18 1.20 20.59
CA GLY A 254 -2.29 0.27 20.60
C GLY A 254 -3.54 0.86 19.98
N THR A 255 -4.45 -0.04 19.58
CA THR A 255 -5.72 0.33 18.99
C THR A 255 -6.81 -0.57 19.55
N GLN A 256 -8.06 -0.29 19.17
CA GLN A 256 -9.16 -1.15 19.57
C GLN A 256 -9.02 -2.55 18.96
N SER A 257 -8.46 -2.64 17.75
CA SER A 257 -8.26 -3.95 17.14
CA SER A 257 -8.26 -3.95 17.14
C SER A 257 -7.30 -4.78 17.96
N VAL A 258 -6.24 -4.16 18.49
CA VAL A 258 -5.28 -4.89 19.32
C VAL A 258 -5.91 -5.26 20.66
N ASP A 259 -6.68 -4.33 21.24
CA ASP A 259 -7.32 -4.63 22.52
C ASP A 259 -8.29 -5.80 22.40
N MET A 260 -8.98 -5.89 21.26
CA MET A 260 -9.87 -7.04 21.04
C MET A 260 -9.08 -8.35 21.04
N LEU A 261 -7.87 -8.34 20.48
CA LEU A 261 -7.04 -9.53 20.50
C LEU A 261 -6.58 -9.85 21.92
N ALA A 262 -6.28 -8.81 22.71
CA ALA A 262 -5.88 -9.03 24.10
C ALA A 262 -7.02 -9.64 24.91
N VAL A 263 -8.25 -9.21 24.66
CA VAL A 263 -9.40 -9.75 25.39
C VAL A 263 -9.66 -11.19 25.01
N LYS A 264 -9.63 -11.48 23.70
CA LYS A 264 -9.94 -12.84 23.23
C LYS A 264 -8.95 -13.85 23.79
N THR A 265 -7.65 -13.56 23.69
CA THR A 265 -6.62 -14.49 24.15
C THR A 265 -6.39 -14.44 25.65
N GLY A 266 -6.71 -13.31 26.30
CA GLY A 266 -6.37 -13.13 27.69
C GLY A 266 -4.93 -12.77 27.95
N VAL A 267 -4.17 -12.42 26.90
CA VAL A 267 -2.77 -12.07 27.03
C VAL A 267 -2.64 -10.57 26.79
N ALA A 268 -2.06 -9.87 27.76
CA ALA A 268 -1.97 -8.41 27.68
C ALA A 268 -0.91 -8.00 26.67
N ILE A 269 -1.13 -6.81 26.09
CA ILE A 269 -0.18 -6.27 25.11
C ILE A 269 1.24 -6.27 25.67
N GLU A 270 1.38 -5.92 26.95
CA GLU A 270 2.72 -5.74 27.51
C GLU A 270 3.48 -7.06 27.57
N GLN A 271 2.79 -8.19 27.72
CA GLN A 271 3.48 -9.47 27.71
C GLN A 271 4.13 -9.72 26.37
N LEU A 272 3.46 -9.34 25.28
CA LEU A 272 4.00 -9.58 23.95
C LEU A 272 5.11 -8.60 23.59
N LEU A 273 5.05 -7.37 24.12
CA LEU A 273 6.17 -6.45 23.94
C LEU A 273 7.44 -7.00 24.56
N TYR A 274 7.32 -7.62 25.74
CA TYR A 274 8.46 -8.31 26.33
C TYR A 274 8.91 -9.47 25.43
N ALA A 275 7.96 -10.22 24.87
CA ALA A 275 8.32 -11.33 23.99
C ALA A 275 9.09 -10.83 22.77
N ILE A 276 8.60 -9.75 22.15
CA ILE A 276 9.29 -9.20 20.99
C ILE A 276 10.74 -8.87 21.33
N GLN A 277 10.98 -8.29 22.51
CA GLN A 277 12.34 -7.97 22.92
C GLN A 277 13.21 -9.22 23.00
N GLN A 278 12.64 -10.32 23.53
CA GLN A 278 13.40 -11.55 23.66
C GLN A 278 13.53 -12.26 22.32
N LEU A 279 12.45 -12.32 21.53
CA LEU A 279 12.50 -13.00 20.24
C LEU A 279 13.40 -12.27 19.25
N TYR A 280 13.52 -10.95 19.37
CA TYR A 280 14.37 -10.20 18.47
C TYR A 280 15.82 -10.63 18.58
N THR A 281 16.27 -10.97 19.80
CA THR A 281 17.63 -11.43 20.00
C THR A 281 17.85 -12.84 19.49
N GLY A 282 16.80 -13.58 19.21
CA GLY A 282 16.91 -14.93 18.69
C GLY A 282 15.71 -15.77 19.10
N PHE A 283 15.32 -16.67 18.20
CA PHE A 283 14.22 -17.59 18.47
C PHE A 283 14.64 -18.81 19.28
N GLN A 284 15.95 -19.02 19.47
CA GLN A 284 16.46 -20.14 20.26
C GLN A 284 16.08 -21.49 19.64
N GLY A 285 15.97 -21.53 18.32
CA GLY A 285 15.71 -22.77 17.62
C GLY A 285 14.25 -23.16 17.51
N LYS A 286 13.34 -22.41 18.12
CA LYS A 286 11.91 -22.68 18.05
C LYS A 286 11.27 -21.88 16.92
N GLN A 287 10.04 -22.25 16.57
CA GLN A 287 9.30 -21.61 15.50
C GLN A 287 7.98 -21.05 16.03
N ILE A 288 7.49 -20.00 15.36
CA ILE A 288 6.18 -19.44 15.62
C ILE A 288 5.44 -19.42 14.29
N LEU A 289 4.28 -20.09 14.23
CA LEU A 289 3.51 -20.23 13.00
C LEU A 289 4.43 -20.61 11.83
N GLY A 290 5.32 -21.57 12.08
CA GLY A 290 6.23 -22.03 11.05
C GLY A 290 7.22 -21.00 10.57
N SER A 291 7.68 -20.11 11.45
CA SER A 291 8.62 -19.06 11.10
C SER A 291 9.68 -18.94 12.18
N THR A 292 10.90 -18.60 11.74
CA THR A 292 12.01 -18.35 12.66
C THR A 292 12.37 -16.88 12.78
N MET A 293 11.63 -15.99 12.11
CA MET A 293 11.85 -14.56 12.22
C MET A 293 10.52 -13.86 12.46
N LEU A 294 10.59 -12.70 13.09
CA LEU A 294 9.38 -11.93 13.38
C LEU A 294 8.68 -11.52 12.08
N GLU A 295 7.36 -11.62 12.09
CA GLU A 295 6.53 -11.28 10.95
C GLU A 295 5.76 -10.00 11.24
N ASP A 296 5.72 -9.08 10.26
CA ASP A 296 5.04 -7.82 10.46
C ASP A 296 4.21 -7.39 9.26
N GLU A 297 3.85 -8.32 8.37
CA GLU A 297 3.05 -8.03 7.20
C GLU A 297 1.58 -8.37 7.40
N PHE A 298 1.18 -8.72 8.63
CA PHE A 298 -0.22 -8.96 8.97
C PHE A 298 -0.63 -7.95 10.02
N THR A 299 -1.75 -7.27 9.78
CA THR A 299 -2.23 -6.22 10.67
C THR A 299 -3.13 -6.81 11.76
N PRO A 300 -3.36 -6.05 12.83
CA PRO A 300 -4.38 -6.49 13.80
C PRO A 300 -5.73 -6.73 13.17
N GLU A 301 -6.10 -5.92 12.17
CA GLU A 301 -7.38 -6.11 11.49
C GLU A 301 -7.39 -7.39 10.67
N ASP A 302 -6.24 -7.77 10.10
CA ASP A 302 -6.16 -9.03 9.38
C ASP A 302 -6.42 -10.21 10.31
N VAL A 303 -5.84 -10.17 11.51
CA VAL A 303 -6.03 -11.27 12.46
C VAL A 303 -7.47 -11.32 12.94
N ASN A 304 -8.06 -10.17 13.24
CA ASN A 304 -9.46 -10.15 13.70
C ASN A 304 -10.40 -10.69 12.63
N MET A 305 -10.13 -10.36 11.36
CA MET A 305 -11.06 -10.72 10.29
C MET A 305 -10.89 -12.18 9.88
N GLN A 306 -9.65 -12.62 9.63
CA GLN A 306 -9.44 -13.94 9.07
C GLN A 306 -9.60 -15.04 10.11
N ILE A 307 -9.23 -14.81 11.36
CA ILE A 307 -9.24 -15.84 12.40
C ILE A 307 -10.45 -15.72 13.29
N MET A 308 -10.80 -14.51 13.74
CA MET A 308 -11.96 -14.32 14.60
C MET A 308 -13.23 -14.01 13.83
N GLY A 309 -13.15 -13.78 12.52
CA GLY A 309 -14.33 -13.43 11.76
C GLY A 309 -14.98 -12.13 12.20
N VAL A 310 -14.16 -11.12 12.51
CA VAL A 310 -14.64 -9.85 13.02
C VAL A 310 -14.09 -8.74 12.14
N VAL A 311 -14.97 -7.92 11.58
CA VAL A 311 -14.56 -6.79 10.75
C VAL A 311 -15.09 -5.49 11.34
#